data_7S9M
#
_entry.id   7S9M
#
_cell.length_a   55.303
_cell.length_b   80.841
_cell.length_c   56.507
_cell.angle_alpha   90.000
_cell.angle_beta   109.042
_cell.angle_gamma   90.000
#
_symmetry.space_group_name_H-M   'P 1 21 1'
#
loop_
_entity.id
_entity.type
_entity.pdbx_description
1 polymer 'DNA polymerase beta'
2 polymer "DNA (5'-D(*CP*CP*GP*AP*CP*GP*GP*CP*GP*CP*AP*TP*(IFP)P*AP*GP*C)-3')"
3 polymer "DNA (5'-D(*GP*CP*TP*AP*AP*TP*GP*CP*GP*C)-3')"
4 polymer "DNA (5'-D(P*GP*TP*CP*GP*G)-3')"
5 non-polymer 'SODIUM ION'
6 non-polymer 'SULFATE ION'
7 water water
#
loop_
_entity_poly.entity_id
_entity_poly.type
_entity_poly.pdbx_seq_one_letter_code
_entity_poly.pdbx_strand_id
1 'polypeptide(L)'
;MSKRKAPQETLNGGITDMLTELANFEKNVSQAIHKYNAYRKAASVIAKYPHKIKSGAEAKKLPGVGTKIAEKIDEFLATG
KLRKLEKIRQDDTSSSINFLTRVSGIGPSAARKFVDEGIKTLEDLRKNEDKLNHHQRIGLKYFGDFEKRIPREEMLQMQD
IVLNEVKKVDSEYIATVCGSFRRGAESSGDMDVLLTHPSFTSESTKQPKLLHQVVEQLQKVHFITDTLSKGETKFMGVCQ
LPSKNDEKEYPHRRIDIRLIPKDQYYCGVLYFTGSDIFNKNMRAHALEKGFTINEYTIRPLGVTGVAGEPLPVDSEKDIF
DYIQWKYREPKDRSE
;
A
2 'polydeoxyribonucleotide' (DC)(DC)(DG)(DA)(DC)(DG)(DG)(DC)(DG)(DC)(DA)(DT)(8PI)(DA)(DG)(DC) T
3 'polydeoxyribonucleotide' (DG)(DC)(DT)(DA)(DA)(DT)(DG)(DC)(DG)(DC) P
4 'polydeoxyribonucleotide' (DG)(DT)(DC)(DG)(DG) D
#
loop_
_chem_comp.id
_chem_comp.type
_chem_comp.name
_chem_comp.formula
8PI DNA linking 1-{[(5S)-2-amino-5-formamido-6-oxo-5,6-dihydropyrimidin-4-yl]amino}-1,2-dideoxy-5-O-phosphono-D-erythro-pentitol 'C10 H18 N5 O8 P'
DA DNA linking 2'-DEOXYADENOSINE-5'-MONOPHOSPHATE 'C10 H14 N5 O6 P'
DC DNA linking 2'-DEOXYCYTIDINE-5'-MONOPHOSPHATE 'C9 H14 N3 O7 P'
DG DNA linking 2'-DEOXYGUANOSINE-5'-MONOPHOSPHATE 'C10 H14 N5 O7 P'
DT DNA linking THYMIDINE-5'-MONOPHOSPHATE 'C10 H15 N2 O8 P'
NA non-polymer 'SODIUM ION' 'Na 1'
SO4 non-polymer 'SULFATE ION' 'O4 S -2'
#
# COMPACT_ATOMS: atom_id res chain seq x y z
N PRO A 7 -4.72 2.86 21.59
CA PRO A 7 -5.92 3.29 20.91
C PRO A 7 -6.84 2.13 20.69
N GLN A 8 -8.09 2.39 20.35
CA GLN A 8 -9.01 1.30 20.19
C GLN A 8 -9.92 1.27 19.00
N GLU A 9 -9.77 2.17 18.03
CA GLU A 9 -10.62 2.21 16.79
C GLU A 9 -12.10 2.40 17.12
N THR A 10 -12.32 2.35 18.41
CA THR A 10 -13.63 2.51 19.02
C THR A 10 -13.72 3.82 19.78
N LEU A 11 -12.61 4.40 20.21
CA LEU A 11 -12.73 5.65 20.97
C LEU A 11 -13.27 6.85 20.22
N ASN A 12 -12.71 7.07 19.04
CA ASN A 12 -13.06 8.17 18.23
C ASN A 12 -13.47 7.72 16.86
N GLY A 13 -14.10 6.57 16.78
CA GLY A 13 -14.53 6.04 15.52
C GLY A 13 -15.32 6.99 14.66
N GLY A 14 -16.34 7.60 15.22
CA GLY A 14 -17.15 8.57 14.48
C GLY A 14 -16.29 9.62 13.78
N ILE A 15 -15.36 10.23 14.53
CA ILE A 15 -14.55 11.30 13.96
C ILE A 15 -13.69 10.76 12.82
N THR A 16 -13.02 9.63 13.04
CA THR A 16 -12.10 9.13 12.02
C THR A 16 -12.84 8.65 10.78
N ASP A 17 -13.99 7.96 10.96
CA ASP A 17 -14.84 7.63 9.81
C ASP A 17 -15.17 8.87 8.99
N MET A 18 -15.59 9.95 9.65
CA MET A 18 -15.91 11.20 8.97
C MET A 18 -14.71 11.73 8.19
N LEU A 19 -13.57 11.89 8.85
CA LEU A 19 -12.39 12.41 8.17
C LEU A 19 -11.97 11.52 7.01
N THR A 20 -12.12 10.21 7.18
CA THR A 20 -11.85 9.28 6.09
C THR A 20 -12.90 9.37 4.99
N GLU A 21 -14.15 9.67 5.34
CA GLU A 21 -15.13 9.92 4.29
C GLU A 21 -14.74 11.14 3.48
N LEU A 22 -14.46 12.26 4.17
CA LEU A 22 -13.94 13.44 3.50
C LEU A 22 -12.65 13.14 2.72
N ALA A 23 -11.78 12.25 3.23
CA ALA A 23 -10.58 11.92 2.48
C ALA A 23 -10.91 11.44 1.07
N ASN A 24 -11.55 10.26 0.95
CA ASN A 24 -11.84 9.74 -0.39
C ASN A 24 -12.63 10.71 -1.24
N PHE A 25 -13.42 11.59 -0.62
CA PHE A 25 -14.14 12.54 -1.45
C PHE A 25 -13.17 13.48 -2.15
N GLU A 26 -12.15 13.96 -1.45
CA GLU A 26 -11.19 14.86 -2.08
C GLU A 26 -10.35 14.13 -3.11
N LYS A 27 -9.96 12.87 -2.79
CA LYS A 27 -9.15 12.08 -3.72
C LYS A 27 -9.94 11.74 -4.98
N ASN A 28 -11.12 11.15 -4.81
CA ASN A 28 -11.89 10.57 -5.90
C ASN A 28 -12.76 11.56 -6.65
N VAL A 29 -13.36 12.52 -5.96
CA VAL A 29 -14.30 13.41 -6.62
C VAL A 29 -13.60 14.71 -6.98
N SER A 30 -13.15 15.46 -5.96
CA SER A 30 -12.50 16.74 -6.21
C SER A 30 -11.09 16.60 -6.76
N GLN A 31 -10.52 15.40 -6.74
CA GLN A 31 -9.20 15.17 -7.31
C GLN A 31 -8.18 16.12 -6.69
N ALA A 32 -8.28 16.33 -5.40
CA ALA A 32 -7.32 17.14 -4.64
C ALA A 32 -6.51 16.19 -3.79
N ILE A 33 -5.44 15.62 -4.37
CA ILE A 33 -4.84 14.51 -3.67
C ILE A 33 -4.13 14.94 -2.40
N HIS A 34 -3.72 16.22 -2.32
CA HIS A 34 -3.09 16.66 -1.08
C HIS A 34 -4.10 16.90 0.03
N LYS A 35 -5.33 17.32 -0.29
CA LYS A 35 -6.40 17.36 0.69
C LYS A 35 -6.83 15.98 1.13
N TYR A 36 -6.61 14.96 0.28
CA TYR A 36 -6.88 13.59 0.68
C TYR A 36 -5.88 13.11 1.72
N ASN A 37 -4.59 13.31 1.45
CA ASN A 37 -3.56 12.93 2.43
C ASN A 37 -3.70 13.70 3.74
N ALA A 38 -4.07 14.98 3.66
CA ALA A 38 -4.27 15.79 4.86
C ALA A 38 -5.30 15.17 5.79
N TYR A 39 -6.46 14.82 5.24
CA TYR A 39 -7.49 14.20 6.06
C TYR A 39 -7.05 12.85 6.61
N ARG A 40 -6.25 12.09 5.87
CA ARG A 40 -5.79 10.79 6.33
C ARG A 40 -4.78 10.93 7.46
N LYS A 41 -3.72 11.69 7.23
CA LYS A 41 -2.88 12.17 8.31
C LYS A 41 -3.72 12.50 9.52
N ALA A 42 -4.61 13.50 9.37
CA ALA A 42 -5.55 13.85 10.44
C ALA A 42 -6.27 12.63 10.97
N ALA A 43 -6.87 11.85 10.08
CA ALA A 43 -7.67 10.73 10.54
C ALA A 43 -6.80 9.68 11.24
N SER A 44 -5.56 9.56 10.85
CA SER A 44 -4.72 8.51 11.42
C SER A 44 -4.08 8.88 12.76
N VAL A 45 -3.84 10.15 13.02
CA VAL A 45 -3.32 10.53 14.34
C VAL A 45 -4.44 10.57 15.36
N ILE A 46 -5.66 10.86 14.96
CA ILE A 46 -6.77 10.81 15.90
C ILE A 46 -7.03 9.40 16.36
N ALA A 47 -6.87 8.42 15.47
CA ALA A 47 -7.14 7.05 15.85
C ALA A 47 -6.21 6.60 16.96
N LYS A 48 -4.98 7.12 16.96
CA LYS A 48 -3.97 6.74 17.93
C LYS A 48 -4.03 7.54 19.22
N TYR A 49 -5.08 8.35 19.41
CA TYR A 49 -5.24 9.18 20.62
C TYR A 49 -5.99 8.39 21.68
N PRO A 50 -5.46 8.29 22.88
CA PRO A 50 -6.03 7.34 23.85
C PRO A 50 -7.07 7.95 24.76
N HIS A 51 -7.87 8.91 24.26
CA HIS A 51 -8.96 9.51 25.01
C HIS A 51 -10.09 9.84 24.06
N LYS A 52 -11.32 9.82 24.56
CA LYS A 52 -12.44 10.28 23.75
C LYS A 52 -12.37 11.80 23.63
N ILE A 53 -12.20 12.29 22.39
CA ILE A 53 -12.10 13.72 22.15
C ILE A 53 -13.37 14.41 22.63
N LYS A 54 -13.20 15.57 23.26
CA LYS A 54 -14.35 16.34 23.74
C LYS A 54 -14.50 17.68 23.06
N SER A 55 -13.46 18.17 22.41
CA SER A 55 -13.44 19.52 21.85
C SER A 55 -12.66 19.55 20.55
N GLY A 56 -13.10 20.37 19.61
CA GLY A 56 -12.30 20.58 18.42
C GLY A 56 -10.90 21.02 18.76
N ALA A 57 -10.76 21.98 19.69
CA ALA A 57 -9.46 22.51 20.05
C ALA A 57 -8.60 21.44 20.67
N GLU A 58 -9.21 20.58 21.50
CA GLU A 58 -8.48 19.49 22.11
C GLU A 58 -7.78 18.63 21.06
N ALA A 59 -8.41 18.47 19.90
CA ALA A 59 -7.79 17.73 18.81
C ALA A 59 -6.79 18.57 18.06
N LYS A 60 -7.06 19.87 17.90
CA LYS A 60 -6.15 20.73 17.15
C LYS A 60 -4.74 20.66 17.70
N LYS A 61 -4.61 20.38 19.00
CA LYS A 61 -3.31 20.12 19.59
C LYS A 61 -2.52 19.14 18.76
N LEU A 62 -3.18 18.09 18.28
CA LEU A 62 -2.45 17.08 17.55
C LEU A 62 -1.85 17.65 16.26
N PRO A 63 -0.82 16.99 15.72
CA PRO A 63 -0.24 17.44 14.46
C PRO A 63 -1.03 16.92 13.28
N GLY A 64 -1.40 17.84 12.38
CA GLY A 64 -2.20 17.51 11.24
C GLY A 64 -3.67 17.77 11.44
N VAL A 65 -4.12 17.97 12.68
CA VAL A 65 -5.43 18.53 12.94
C VAL A 65 -5.25 20.04 13.07
N GLY A 66 -5.84 20.77 12.12
CA GLY A 66 -5.80 22.20 12.08
C GLY A 66 -7.12 22.80 12.42
N THR A 67 -7.38 24.02 11.95
CA THR A 67 -8.52 24.74 12.46
C THR A 67 -9.81 24.22 11.86
N LYS A 68 -9.85 24.05 10.55
CA LYS A 68 -11.08 23.60 9.93
C LYS A 68 -11.45 22.19 10.36
N ILE A 69 -10.47 21.32 10.55
CA ILE A 69 -10.78 19.96 11.00
C ILE A 69 -11.30 20.00 12.44
N ALA A 70 -10.74 20.87 13.28
CA ALA A 70 -11.31 21.03 14.62
C ALA A 70 -12.77 21.49 14.54
N GLU A 71 -13.06 22.49 13.71
CA GLU A 71 -14.45 22.96 13.53
C GLU A 71 -15.39 21.83 13.15
N LYS A 72 -15.05 21.08 12.10
CA LYS A 72 -15.89 19.93 11.74
C LYS A 72 -15.96 18.91 12.88
N ILE A 73 -14.94 18.86 13.75
CA ILE A 73 -15.07 17.96 14.90
C ILE A 73 -16.03 18.57 15.91
N ASP A 74 -15.93 19.88 16.12
CA ASP A 74 -16.91 20.57 16.95
C ASP A 74 -18.32 20.29 16.44
N GLU A 75 -18.57 20.55 15.15
CA GLU A 75 -19.89 20.25 14.59
C GLU A 75 -20.26 18.80 14.85
N PHE A 76 -19.35 17.87 14.58
CA PHE A 76 -19.71 16.45 14.68
C PHE A 76 -20.15 16.09 16.09
N LEU A 77 -19.39 16.50 17.10
CA LEU A 77 -19.77 16.16 18.48
C LEU A 77 -21.04 16.91 18.89
N ALA A 78 -21.19 18.16 18.43
CA ALA A 78 -22.37 18.95 18.73
C ALA A 78 -23.62 18.34 18.12
N THR A 79 -23.61 18.05 16.81
CA THR A 79 -24.79 17.52 16.13
C THR A 79 -24.79 16.00 15.92
N GLY A 80 -23.64 15.37 15.69
CA GLY A 80 -23.66 13.96 15.32
C GLY A 80 -23.67 13.70 13.83
N LYS A 81 -23.48 14.72 13.00
CA LYS A 81 -23.30 14.52 11.57
C LYS A 81 -22.55 15.73 11.02
N LEU A 82 -22.04 15.62 9.80
CA LEU A 82 -21.45 16.77 9.14
C LEU A 82 -22.37 17.22 8.03
N ARG A 83 -22.73 18.51 8.07
CA ARG A 83 -23.55 19.07 7.00
C ARG A 83 -22.91 18.81 5.65
N LYS A 84 -21.66 19.27 5.48
CA LYS A 84 -20.93 19.01 4.24
C LYS A 84 -21.01 17.54 3.85
N LEU A 85 -20.79 16.64 4.82
CA LEU A 85 -20.74 15.22 4.50
C LEU A 85 -22.11 14.67 4.12
N GLU A 86 -23.19 15.21 4.69
CA GLU A 86 -24.52 14.79 4.27
C GLU A 86 -24.83 15.33 2.89
N LYS A 87 -24.49 16.60 2.64
CA LYS A 87 -24.63 17.20 1.32
C LYS A 87 -23.99 16.31 0.26
N ILE A 88 -22.73 15.94 0.48
CA ILE A 88 -22.01 15.06 -0.43
C ILE A 88 -22.70 13.71 -0.55
N ARG A 89 -23.22 13.20 0.56
CA ARG A 89 -23.70 11.84 0.55
C ARG A 89 -24.90 11.64 -0.37
N GLN A 90 -25.59 12.71 -0.75
CA GLN A 90 -26.83 12.53 -1.48
C GLN A 90 -26.77 13.06 -2.90
N ASP A 91 -26.04 14.15 -3.15
CA ASP A 91 -25.66 14.43 -4.53
C ASP A 91 -25.06 13.15 -5.12
N ASP A 92 -25.63 12.72 -6.25
CA ASP A 92 -25.43 11.37 -6.74
C ASP A 92 -24.28 11.26 -7.72
N THR A 93 -23.89 12.35 -8.36
CA THR A 93 -22.62 12.31 -9.06
C THR A 93 -21.52 11.87 -8.13
N SER A 94 -21.35 12.60 -7.02
CA SER A 94 -20.29 12.29 -6.05
C SER A 94 -20.33 10.84 -5.63
N SER A 95 -21.51 10.32 -5.29
CA SER A 95 -21.60 8.94 -4.79
C SER A 95 -21.17 7.95 -5.85
N SER A 96 -21.66 8.12 -7.08
CA SER A 96 -21.34 7.17 -8.14
C SER A 96 -19.85 7.21 -8.47
N ILE A 97 -19.31 8.40 -8.72
CA ILE A 97 -17.86 8.56 -8.90
C ILE A 97 -17.12 7.86 -7.78
N ASN A 98 -17.62 8.01 -6.56
CA ASN A 98 -16.99 7.39 -5.40
C ASN A 98 -17.07 5.88 -5.47
N PHE A 99 -18.23 5.34 -5.85
CA PHE A 99 -18.32 3.89 -5.97
C PHE A 99 -17.32 3.38 -7.01
N LEU A 100 -17.36 3.94 -8.21
CA LEU A 100 -16.58 3.38 -9.31
C LEU A 100 -15.09 3.31 -8.98
N THR A 101 -14.56 4.25 -8.17
CA THR A 101 -13.10 4.19 -8.00
C THR A 101 -12.67 3.11 -7.11
N ARG A 102 -13.60 2.29 -6.60
CA ARG A 102 -13.26 1.05 -5.93
C ARG A 102 -12.79 -0.02 -6.89
N VAL A 103 -13.10 0.12 -8.17
CA VAL A 103 -12.60 -0.78 -9.19
C VAL A 103 -11.12 -0.44 -9.42
N SER A 104 -10.25 -1.44 -9.23
CA SER A 104 -8.84 -1.20 -9.50
C SER A 104 -8.67 -0.97 -10.99
N GLY A 105 -7.98 0.11 -11.33
CA GLY A 105 -7.86 0.56 -12.68
C GLY A 105 -8.76 1.74 -13.00
N ILE A 106 -9.75 2.01 -12.17
CA ILE A 106 -10.60 3.19 -12.35
C ILE A 106 -10.10 4.19 -11.34
N GLY A 107 -9.50 5.26 -11.84
CA GLY A 107 -9.07 6.35 -10.99
C GLY A 107 -10.17 7.38 -10.96
N PRO A 108 -9.88 8.57 -10.44
CA PRO A 108 -10.89 9.64 -10.47
C PRO A 108 -11.24 10.09 -11.87
N SER A 109 -10.30 10.04 -12.82
CA SER A 109 -10.59 10.53 -14.17
C SER A 109 -11.54 9.60 -14.90
N ALA A 110 -11.19 8.31 -14.98
CA ALA A 110 -12.08 7.37 -15.65
C ALA A 110 -13.45 7.39 -15.01
N ALA A 111 -13.50 7.21 -13.69
CA ALA A 111 -14.77 7.20 -12.98
C ALA A 111 -15.62 8.41 -13.33
N ARG A 112 -15.02 9.60 -13.27
CA ARG A 112 -15.76 10.79 -13.66
C ARG A 112 -16.28 10.65 -15.08
N LYS A 113 -15.46 10.14 -15.99
CA LYS A 113 -15.93 10.01 -17.36
C LYS A 113 -17.03 8.98 -17.47
N PHE A 114 -16.89 7.84 -16.79
CA PHE A 114 -17.94 6.84 -16.82
C PHE A 114 -19.26 7.42 -16.37
N VAL A 115 -19.26 8.07 -15.20
CA VAL A 115 -20.49 8.66 -14.69
C VAL A 115 -21.01 9.72 -15.65
N ASP A 116 -20.12 10.42 -16.35
CA ASP A 116 -20.56 11.43 -17.31
C ASP A 116 -21.45 10.81 -18.37
N GLU A 117 -21.05 9.67 -18.93
CA GLU A 117 -21.86 8.99 -19.91
C GLU A 117 -22.80 7.97 -19.26
N GLY A 118 -23.12 8.14 -17.99
CA GLY A 118 -24.15 7.31 -17.40
C GLY A 118 -23.75 5.88 -17.17
N ILE A 119 -22.51 5.65 -16.79
CA ILE A 119 -22.05 4.33 -16.37
C ILE A 119 -21.74 4.44 -14.88
N LYS A 120 -22.64 3.99 -14.00
CA LYS A 120 -22.50 4.25 -12.56
C LYS A 120 -22.61 3.02 -11.66
N THR A 121 -22.94 1.84 -12.16
CA THR A 121 -23.05 0.65 -11.34
C THR A 121 -22.09 -0.40 -11.87
N LEU A 122 -21.84 -1.44 -11.07
CA LEU A 122 -21.09 -2.58 -11.62
C LEU A 122 -21.85 -3.20 -12.77
N GLU A 123 -23.16 -3.41 -12.58
CA GLU A 123 -24.07 -3.75 -13.66
C GLU A 123 -23.73 -2.97 -14.93
N ASP A 124 -23.66 -1.64 -14.82
CA ASP A 124 -23.35 -0.82 -15.98
C ASP A 124 -21.97 -1.14 -16.53
N LEU A 125 -21.04 -1.50 -15.65
CA LEU A 125 -19.67 -1.68 -16.11
C LEU A 125 -19.56 -2.97 -16.91
N ARG A 126 -20.23 -4.03 -16.46
CA ARG A 126 -20.17 -5.26 -17.23
C ARG A 126 -21.03 -5.19 -18.50
N LYS A 127 -22.07 -4.35 -18.52
CA LYS A 127 -22.69 -4.03 -19.80
C LYS A 127 -21.66 -3.54 -20.80
N ASN A 128 -20.71 -2.72 -20.36
CA ASN A 128 -19.80 -2.04 -21.26
C ASN A 128 -18.36 -2.54 -21.16
N GLU A 129 -18.15 -3.82 -20.86
CA GLU A 129 -16.78 -4.26 -20.71
C GLU A 129 -15.91 -3.97 -21.93
N ASP A 130 -16.51 -3.55 -23.05
CA ASP A 130 -15.71 -3.10 -24.19
C ASP A 130 -15.06 -1.74 -23.93
N LYS A 131 -15.71 -0.87 -23.17
CA LYS A 131 -15.19 0.45 -22.85
C LYS A 131 -14.16 0.44 -21.74
N LEU A 132 -13.71 -0.74 -21.31
CA LEU A 132 -12.79 -0.91 -20.20
C LEU A 132 -11.46 -1.44 -20.73
N ASN A 133 -10.35 -0.93 -20.18
CA ASN A 133 -9.05 -1.47 -20.56
C ASN A 133 -8.83 -2.79 -19.84
N HIS A 134 -7.62 -3.36 -19.91
CA HIS A 134 -7.44 -4.71 -19.38
C HIS A 134 -7.48 -4.71 -17.86
N HIS A 135 -6.66 -3.88 -17.23
CA HIS A 135 -6.60 -3.83 -15.78
C HIS A 135 -7.99 -3.62 -15.21
N GLN A 136 -8.79 -2.76 -15.84
CA GLN A 136 -10.11 -2.49 -15.27
C GLN A 136 -11.02 -3.70 -15.36
N ARG A 137 -11.00 -4.42 -16.49
CA ARG A 137 -11.77 -5.66 -16.56
C ARG A 137 -11.36 -6.63 -15.45
N ILE A 138 -10.05 -6.85 -15.27
CA ILE A 138 -9.61 -7.71 -14.16
C ILE A 138 -10.11 -7.13 -12.85
N GLY A 139 -9.97 -5.82 -12.65
CA GLY A 139 -10.46 -5.23 -11.42
C GLY A 139 -11.96 -5.43 -11.27
N LEU A 140 -12.70 -5.35 -12.37
CA LEU A 140 -14.13 -5.59 -12.30
C LEU A 140 -14.42 -7.04 -11.97
N LYS A 141 -13.68 -7.98 -12.58
CA LYS A 141 -13.92 -9.40 -12.35
C LYS A 141 -13.77 -9.77 -10.87
N TYR A 142 -12.89 -9.09 -10.15
CA TYR A 142 -12.56 -9.49 -8.79
C TYR A 142 -12.95 -8.41 -7.79
N PHE A 143 -13.96 -7.61 -8.15
CA PHE A 143 -14.31 -6.46 -7.34
C PHE A 143 -14.49 -6.84 -5.89
N GLY A 144 -15.20 -7.93 -5.63
CA GLY A 144 -15.42 -8.34 -4.25
C GLY A 144 -14.13 -8.81 -3.60
N ASP A 145 -13.44 -9.77 -4.23
CA ASP A 145 -12.27 -10.38 -3.62
C ASP A 145 -11.20 -9.35 -3.28
N PHE A 146 -11.04 -8.34 -4.14
CA PHE A 146 -9.98 -7.36 -3.89
C PHE A 146 -10.25 -6.52 -2.65
N GLU A 147 -11.50 -6.36 -2.22
CA GLU A 147 -11.78 -5.59 -1.00
C GLU A 147 -11.63 -6.42 0.27
N LYS A 148 -11.39 -7.71 0.12
CA LYS A 148 -11.24 -8.63 1.25
C LYS A 148 -9.85 -8.55 1.85
N ARG A 149 -9.79 -8.79 3.16
CA ARG A 149 -8.53 -8.98 3.88
C ARG A 149 -7.95 -10.36 3.59
N ILE A 150 -6.63 -10.44 3.73
CA ILE A 150 -5.90 -11.69 3.62
C ILE A 150 -5.39 -12.08 5.01
N PRO A 151 -6.04 -13.04 5.67
CA PRO A 151 -5.60 -13.43 7.01
C PRO A 151 -4.18 -13.99 6.96
N ARG A 152 -3.32 -13.48 7.85
CA ARG A 152 -1.91 -13.85 7.93
C ARG A 152 -1.65 -15.29 7.53
N GLU A 153 -2.29 -16.23 8.23
CA GLU A 153 -2.15 -17.66 7.94
C GLU A 153 -2.24 -17.99 6.45
N GLU A 154 -2.99 -17.19 5.69
CA GLU A 154 -3.01 -17.37 4.24
C GLU A 154 -1.71 -16.86 3.64
N MET A 155 -1.26 -15.69 4.09
CA MET A 155 0.00 -15.13 3.58
C MET A 155 1.11 -16.14 3.70
N LEU A 156 1.30 -16.69 4.91
CA LEU A 156 2.23 -17.78 5.17
C LEU A 156 2.19 -18.81 4.05
N GLN A 157 1.04 -19.45 3.85
CA GLN A 157 0.99 -20.48 2.82
C GLN A 157 1.23 -19.89 1.43
N MET A 158 0.97 -18.60 1.25
CA MET A 158 1.26 -17.98 -0.04
C MET A 158 2.77 -17.76 -0.21
N GLN A 159 3.38 -17.03 0.72
CA GLN A 159 4.83 -16.96 0.86
C GLN A 159 5.46 -18.30 0.58
N ASP A 160 4.86 -19.38 1.08
CA ASP A 160 5.37 -20.70 0.78
C ASP A 160 5.44 -20.94 -0.73
N ILE A 161 4.32 -20.79 -1.44
CA ILE A 161 4.30 -21.19 -2.84
C ILE A 161 5.25 -20.32 -3.65
N VAL A 162 5.34 -19.03 -3.34
CA VAL A 162 6.19 -18.17 -4.15
C VAL A 162 7.66 -18.41 -3.85
N LEU A 163 8.02 -18.58 -2.57
CA LEU A 163 9.42 -18.85 -2.23
C LEU A 163 9.85 -20.21 -2.77
N ASN A 164 9.04 -21.24 -2.52
CA ASN A 164 9.38 -22.60 -2.97
C ASN A 164 9.51 -22.68 -4.49
N GLU A 165 8.56 -22.09 -5.22
CA GLU A 165 8.64 -22.20 -6.68
C GLU A 165 9.64 -21.24 -7.31
N VAL A 166 10.02 -20.16 -6.61
CA VAL A 166 11.08 -19.33 -7.12
C VAL A 166 12.41 -20.07 -7.08
N LYS A 167 12.60 -20.90 -6.06
CA LYS A 167 13.85 -21.65 -5.97
C LYS A 167 13.90 -22.82 -6.96
N LYS A 168 12.75 -23.34 -7.39
CA LYS A 168 12.68 -24.33 -8.45
C LYS A 168 13.08 -23.76 -9.81
N VAL A 169 13.56 -22.51 -9.83
CA VAL A 169 13.86 -21.76 -11.04
C VAL A 169 15.35 -21.48 -11.06
N ASP A 170 15.82 -20.68 -10.10
CA ASP A 170 17.23 -20.37 -9.98
C ASP A 170 17.60 -20.40 -8.51
N SER A 171 18.66 -21.13 -8.18
CA SER A 171 19.06 -21.32 -6.79
C SER A 171 19.41 -19.99 -6.12
N GLU A 172 19.86 -19.01 -6.91
CA GLU A 172 20.42 -17.77 -6.39
C GLU A 172 19.44 -16.60 -6.32
N TYR A 173 18.23 -16.74 -6.86
CA TYR A 173 17.18 -15.78 -6.54
C TYR A 173 17.01 -15.70 -5.03
N ILE A 174 16.73 -14.50 -4.52
CA ILE A 174 16.30 -14.36 -3.15
C ILE A 174 15.08 -13.45 -3.14
N ALA A 175 14.06 -13.86 -2.38
CA ALA A 175 12.74 -13.25 -2.43
C ALA A 175 12.29 -12.96 -1.01
N THR A 176 11.56 -11.87 -0.82
CA THR A 176 11.12 -11.50 0.53
C THR A 176 9.76 -10.84 0.46
N VAL A 177 8.73 -11.51 0.96
CA VAL A 177 7.47 -10.81 1.16
C VAL A 177 7.68 -9.75 2.22
N CYS A 178 7.05 -8.59 2.04
CA CYS A 178 7.23 -7.48 2.96
C CYS A 178 5.89 -6.88 3.35
N GLY A 179 5.85 -5.56 3.52
CA GLY A 179 4.63 -4.94 4.00
C GLY A 179 4.35 -5.34 5.44
N SER A 180 3.09 -5.17 5.83
CA SER A 180 2.70 -5.57 7.19
C SER A 180 3.06 -7.02 7.48
N PHE A 181 3.07 -7.89 6.48
CA PHE A 181 3.27 -9.30 6.75
C PHE A 181 4.64 -9.58 7.36
N ARG A 182 5.68 -8.89 6.90
CA ARG A 182 6.95 -9.15 7.56
C ARG A 182 7.02 -8.51 8.92
N ARG A 183 6.06 -7.64 9.26
CA ARG A 183 6.02 -7.06 10.59
C ARG A 183 5.19 -7.85 11.59
N GLY A 184 4.70 -9.04 11.21
CA GLY A 184 3.88 -9.82 12.12
C GLY A 184 2.40 -9.50 12.11
N ALA A 185 1.92 -8.78 11.11
CA ALA A 185 0.53 -8.36 11.12
C ALA A 185 -0.41 -9.53 10.86
N GLU A 186 -1.51 -9.54 11.61
CA GLU A 186 -2.49 -10.62 11.53
C GLU A 186 -3.25 -10.60 10.21
N SER A 187 -3.34 -9.45 9.53
CA SER A 187 -4.01 -9.35 8.23
C SER A 187 -3.21 -8.47 7.28
N SER A 188 -3.22 -8.84 5.99
CA SER A 188 -2.52 -8.10 4.94
C SER A 188 -3.49 -7.78 3.81
N GLY A 189 -3.29 -6.63 3.18
CA GLY A 189 -4.15 -6.23 2.08
C GLY A 189 -3.81 -6.88 0.74
N ASP A 190 -2.56 -7.28 0.57
CA ASP A 190 -2.07 -7.85 -0.68
C ASP A 190 -0.68 -8.41 -0.40
N MET A 191 -0.11 -9.05 -1.41
CA MET A 191 1.20 -9.66 -1.29
C MET A 191 2.21 -8.85 -2.08
N ASP A 192 3.20 -8.28 -1.39
CA ASP A 192 4.26 -7.52 -2.04
C ASP A 192 5.56 -8.30 -1.94
N VAL A 193 6.06 -8.78 -3.06
CA VAL A 193 7.26 -9.59 -3.12
C VAL A 193 8.40 -8.75 -3.63
N LEU A 194 9.60 -9.00 -3.10
CA LEU A 194 10.82 -8.33 -3.54
C LEU A 194 11.82 -9.41 -3.95
N LEU A 195 12.32 -9.29 -5.17
CA LEU A 195 13.16 -10.30 -5.78
C LEU A 195 14.47 -9.67 -6.20
N THR A 196 15.53 -10.46 -6.22
CA THR A 196 16.78 -10.03 -6.82
C THR A 196 17.55 -11.27 -7.23
N HIS A 197 18.66 -11.03 -7.91
CA HIS A 197 19.49 -12.08 -8.39
C HIS A 197 20.90 -11.53 -8.36
N PRO A 198 21.90 -12.35 -8.03
CA PRO A 198 23.29 -11.88 -8.14
C PRO A 198 23.60 -11.35 -9.51
N SER A 199 22.93 -11.82 -10.55
CA SER A 199 23.22 -11.41 -11.91
C SER A 199 22.65 -10.04 -12.26
N PHE A 200 22.37 -9.21 -11.26
CA PHE A 200 21.64 -7.96 -11.51
C PHE A 200 22.15 -6.87 -10.58
N THR A 201 22.88 -5.92 -11.16
CA THR A 201 23.62 -4.85 -10.51
C THR A 201 22.92 -3.51 -10.74
N SER A 202 23.55 -2.43 -10.29
CA SER A 202 23.32 -1.12 -10.90
C SER A 202 23.95 -1.07 -12.29
N GLU A 203 25.20 -1.55 -12.39
CA GLU A 203 25.94 -1.59 -13.64
C GLU A 203 25.58 -2.80 -14.49
N SER A 204 24.32 -3.22 -14.45
CA SER A 204 23.86 -4.42 -15.16
C SER A 204 24.18 -4.40 -16.66
N GLN A 207 19.90 -10.62 -16.69
CA GLN A 207 19.08 -10.76 -17.89
C GLN A 207 17.68 -10.17 -17.74
N PRO A 208 17.19 -9.49 -18.79
CA PRO A 208 15.75 -9.10 -18.83
C PRO A 208 14.76 -10.26 -18.89
N LYS A 209 15.23 -11.50 -18.78
CA LYS A 209 14.33 -12.63 -18.58
C LYS A 209 14.15 -12.98 -17.11
N LEU A 210 14.61 -12.11 -16.20
CA LEU A 210 14.75 -12.45 -14.79
C LEU A 210 13.41 -12.47 -14.08
N LEU A 211 12.64 -11.39 -14.18
CA LEU A 211 11.32 -11.34 -13.56
C LEU A 211 10.32 -12.17 -14.35
N HIS A 212 10.52 -12.26 -15.67
CA HIS A 212 9.61 -13.06 -16.48
C HIS A 212 9.62 -14.52 -16.05
N GLN A 213 10.81 -15.10 -15.91
CA GLN A 213 10.89 -16.55 -15.67
C GLN A 213 10.20 -16.96 -14.38
N VAL A 214 10.21 -16.10 -13.36
CA VAL A 214 9.49 -16.41 -12.12
C VAL A 214 7.98 -16.35 -12.34
N VAL A 215 7.50 -15.31 -13.02
CA VAL A 215 6.07 -15.20 -13.30
C VAL A 215 5.63 -16.33 -14.21
N GLU A 216 6.48 -16.70 -15.15
CA GLU A 216 6.20 -17.82 -16.06
C GLU A 216 6.04 -19.14 -15.30
N GLN A 217 6.95 -19.48 -14.42
CA GLN A 217 6.80 -20.64 -13.56
C GLN A 217 5.57 -20.50 -12.66
N LEU A 218 5.46 -19.40 -11.91
CA LEU A 218 4.31 -19.13 -11.03
C LEU A 218 2.96 -19.17 -11.77
N GLN A 219 2.96 -19.04 -13.09
CA GLN A 219 1.77 -19.21 -13.90
C GLN A 219 1.50 -20.66 -14.29
N LYS A 220 2.52 -21.50 -14.18
CA LYS A 220 2.39 -22.92 -14.48
C LYS A 220 1.83 -23.62 -13.24
N VAL A 221 2.26 -23.16 -12.07
CA VAL A 221 1.80 -23.73 -10.81
C VAL A 221 0.33 -23.36 -10.62
N HIS A 222 -0.29 -22.78 -11.65
CA HIS A 222 -1.68 -22.34 -11.58
C HIS A 222 -1.93 -21.43 -10.37
N PHE A 223 -0.87 -20.76 -9.90
CA PHE A 223 -0.96 -19.85 -8.75
C PHE A 223 -1.36 -18.45 -9.19
N ILE A 224 -0.71 -17.92 -10.22
CA ILE A 224 -0.98 -16.59 -10.76
C ILE A 224 -2.01 -16.74 -11.84
N THR A 225 -3.19 -16.17 -11.62
CA THR A 225 -4.27 -16.29 -12.59
C THR A 225 -4.24 -15.19 -13.66
N ASP A 226 -4.06 -13.92 -13.26
CA ASP A 226 -4.23 -12.79 -14.18
C ASP A 226 -3.13 -11.75 -14.00
N THR A 227 -2.86 -11.02 -15.08
CA THR A 227 -1.78 -10.03 -15.15
C THR A 227 -2.36 -8.63 -15.38
N LEU A 228 -2.13 -7.73 -14.40
CA LEU A 228 -2.53 -6.35 -14.56
C LEU A 228 -1.51 -5.54 -15.35
N SER A 229 -0.23 -5.90 -15.20
CA SER A 229 0.86 -5.16 -15.80
C SER A 229 2.15 -5.94 -15.57
N LYS A 230 2.99 -6.03 -16.58
CA LYS A 230 4.20 -6.84 -16.45
C LYS A 230 5.29 -6.18 -17.25
N GLY A 231 6.46 -5.99 -16.64
CA GLY A 231 7.61 -5.43 -17.32
C GLY A 231 8.91 -6.05 -16.85
N GLU A 232 10.04 -5.42 -17.20
CA GLU A 232 11.33 -6.00 -16.86
C GLU A 232 11.54 -6.07 -15.36
N THR A 233 10.96 -5.13 -14.60
CA THR A 233 11.27 -4.99 -13.18
C THR A 233 10.07 -4.95 -12.24
N LYS A 234 8.85 -4.69 -12.73
CA LYS A 234 7.65 -4.69 -11.89
C LYS A 234 6.55 -5.52 -12.53
N PHE A 235 5.94 -6.40 -11.75
CA PHE A 235 4.78 -7.16 -12.19
C PHE A 235 3.67 -6.91 -11.19
N MET A 236 2.43 -6.94 -11.68
CA MET A 236 1.27 -6.59 -10.87
C MET A 236 0.10 -7.44 -11.35
N GLY A 237 -0.37 -8.37 -10.53
CA GLY A 237 -1.41 -9.28 -10.97
C GLY A 237 -2.10 -9.96 -9.83
N VAL A 238 -2.63 -11.15 -10.10
CA VAL A 238 -3.59 -11.80 -9.23
C VAL A 238 -3.13 -13.23 -8.99
N CYS A 239 -3.02 -13.62 -7.72
CA CYS A 239 -2.79 -15.02 -7.41
C CYS A 239 -4.04 -15.61 -6.73
N GLN A 240 -3.98 -16.91 -6.47
CA GLN A 240 -5.03 -17.57 -5.68
C GLN A 240 -4.48 -18.85 -5.06
N LEU A 241 -4.65 -19.01 -3.75
CA LEU A 241 -4.26 -20.24 -3.07
C LEU A 241 -5.10 -21.42 -3.58
N PRO A 242 -4.55 -22.66 -3.57
CA PRO A 242 -5.30 -23.79 -4.13
C PRO A 242 -6.30 -24.42 -3.18
N SER A 243 -7.53 -24.65 -3.66
CA SER A 243 -8.53 -25.38 -2.90
C SER A 243 -8.35 -26.88 -3.09
N LYS A 244 -8.47 -27.61 -1.98
CA LYS A 244 -8.21 -29.05 -1.96
C LYS A 244 -9.47 -29.86 -2.29
N ASN A 245 -10.16 -29.48 -3.37
CA ASN A 245 -11.31 -30.22 -3.90
C ASN A 245 -12.48 -30.32 -2.91
N ASP A 246 -12.43 -29.57 -1.81
CA ASP A 246 -13.43 -29.66 -0.74
C ASP A 246 -14.45 -28.55 -0.81
N GLU A 247 -14.69 -27.99 -2.00
CA GLU A 247 -15.77 -27.04 -2.27
C GLU A 247 -15.68 -25.81 -1.36
N LYS A 248 -14.49 -25.21 -1.31
CA LYS A 248 -14.31 -23.90 -0.68
C LYS A 248 -13.16 -23.25 -1.45
N GLU A 249 -13.51 -22.43 -2.45
CA GLU A 249 -12.50 -21.82 -3.30
C GLU A 249 -11.98 -20.54 -2.64
N TYR A 250 -10.65 -20.42 -2.55
CA TYR A 250 -10.05 -19.28 -1.88
C TYR A 250 -10.26 -18.03 -2.73
N PRO A 251 -10.43 -16.88 -2.09
CA PRO A 251 -10.63 -15.65 -2.86
C PRO A 251 -9.35 -15.26 -3.59
N HIS A 252 -9.51 -14.70 -4.79
CA HIS A 252 -8.35 -14.25 -5.55
C HIS A 252 -7.68 -13.07 -4.86
N ARG A 253 -6.34 -13.04 -4.87
CA ARG A 253 -5.57 -12.04 -4.13
C ARG A 253 -4.68 -11.21 -5.04
N ARG A 254 -4.46 -9.96 -4.63
CA ARG A 254 -3.60 -9.02 -5.35
C ARG A 254 -2.16 -9.27 -4.96
N ILE A 255 -1.27 -9.53 -5.94
CA ILE A 255 0.16 -9.70 -5.67
C ILE A 255 0.97 -8.87 -6.64
N ASP A 256 1.99 -8.19 -6.11
CA ASP A 256 3.01 -7.51 -6.89
C ASP A 256 4.35 -8.23 -6.72
N ILE A 257 5.22 -8.16 -7.73
CA ILE A 257 6.56 -8.75 -7.63
C ILE A 257 7.58 -7.80 -8.24
N ARG A 258 8.42 -7.19 -7.41
CA ARG A 258 9.46 -6.26 -7.84
C ARG A 258 10.79 -6.96 -8.03
N LEU A 259 11.50 -6.61 -9.11
CA LEU A 259 12.87 -7.06 -9.32
C LEU A 259 13.79 -5.88 -9.12
N ILE A 260 14.67 -5.97 -8.13
CA ILE A 260 15.52 -4.85 -7.72
C ILE A 260 16.96 -5.36 -7.73
N PRO A 261 17.95 -4.52 -8.04
CA PRO A 261 19.34 -4.98 -8.05
C PRO A 261 19.84 -5.27 -6.64
N LYS A 262 20.70 -6.29 -6.52
CA LYS A 262 21.10 -6.75 -5.18
C LYS A 262 21.83 -5.67 -4.39
N ASP A 263 22.53 -4.75 -5.07
CA ASP A 263 23.20 -3.69 -4.31
C ASP A 263 22.22 -2.66 -3.75
N GLN A 264 20.97 -2.66 -4.22
CA GLN A 264 19.92 -1.88 -3.62
C GLN A 264 18.84 -2.75 -2.97
N TYR A 265 19.09 -4.06 -2.85
CA TYR A 265 18.05 -4.95 -2.37
C TYR A 265 17.64 -4.56 -0.96
N TYR A 266 18.53 -4.70 0.01
CA TYR A 266 18.08 -4.59 1.38
C TYR A 266 17.59 -3.18 1.73
N CYS A 267 18.01 -2.15 0.98
CA CYS A 267 17.32 -0.87 1.07
C CYS A 267 15.89 -1.01 0.55
N GLY A 268 15.70 -1.82 -0.50
CA GLY A 268 14.35 -2.09 -0.99
C GLY A 268 13.52 -2.84 0.02
N VAL A 269 14.12 -3.83 0.64
CA VAL A 269 13.45 -4.59 1.64
C VAL A 269 13.15 -3.78 2.86
N LEU A 270 14.08 -2.97 3.26
CA LEU A 270 13.91 -2.12 4.43
C LEU A 270 12.84 -1.06 4.21
N TYR A 271 12.83 -0.45 3.03
CA TYR A 271 11.81 0.56 2.75
C TYR A 271 10.44 -0.09 2.66
N PHE A 272 10.28 -1.07 1.77
CA PHE A 272 8.98 -1.70 1.52
C PHE A 272 8.53 -2.64 2.63
N THR A 273 9.31 -2.80 3.70
CA THR A 273 8.81 -3.36 4.95
C THR A 273 8.40 -2.27 5.91
N GLY A 274 8.93 -1.07 5.73
CA GLY A 274 8.46 0.04 6.50
C GLY A 274 8.72 -0.19 7.97
N SER A 275 7.77 0.26 8.81
CA SER A 275 6.52 0.89 8.37
C SER A 275 6.70 2.33 7.92
N ASP A 276 5.59 2.97 7.51
CA ASP A 276 5.66 4.34 6.99
C ASP A 276 6.19 5.32 8.03
N ILE A 277 5.57 5.34 9.22
CA ILE A 277 6.06 6.22 10.28
C ILE A 277 7.47 5.81 10.69
N PHE A 278 7.72 4.50 10.71
CA PHE A 278 9.05 4.00 11.05
C PHE A 278 10.12 4.59 10.14
N ASN A 279 9.81 4.71 8.85
CA ASN A 279 10.82 5.11 7.88
C ASN A 279 11.22 6.56 8.08
N LYS A 280 10.23 7.44 8.31
CA LYS A 280 10.60 8.85 8.46
C LYS A 280 11.41 9.08 9.71
N ASN A 281 11.28 8.22 10.72
CA ASN A 281 12.13 8.33 11.90
C ASN A 281 13.51 7.75 11.64
N MET A 282 13.58 6.67 10.85
CA MET A 282 14.88 6.08 10.55
C MET A 282 15.65 6.92 9.54
N ARG A 283 14.93 7.52 8.63
CA ARG A 283 15.62 8.40 7.78
C ARG A 283 16.06 9.51 8.74
N ALA A 284 15.11 10.23 9.21
CA ALA A 284 15.46 11.45 9.95
C ALA A 284 16.54 11.17 11.00
N HIS A 285 16.54 10.00 11.64
CA HIS A 285 17.70 9.66 12.47
C HIS A 285 18.95 9.52 11.60
N ALA A 286 18.85 8.79 10.49
CA ALA A 286 19.99 8.62 9.61
C ALA A 286 20.49 9.96 9.09
N LEU A 287 19.56 10.86 8.77
CA LEU A 287 19.91 12.19 8.27
C LEU A 287 20.66 12.98 9.33
N GLU A 288 20.21 12.86 10.58
CA GLU A 288 20.84 13.57 11.69
C GLU A 288 22.16 12.90 12.15
N LYS A 289 22.79 12.05 11.31
CA LYS A 289 24.04 11.42 11.72
C LYS A 289 25.03 11.25 10.57
N GLY A 290 24.90 12.03 9.49
CA GLY A 290 25.85 12.03 8.40
C GLY A 290 25.42 11.28 7.16
N PHE A 291 24.31 10.55 7.19
CA PHE A 291 23.91 9.69 6.09
C PHE A 291 22.51 10.08 5.63
N THR A 292 22.09 9.51 4.50
CA THR A 292 20.73 9.74 4.02
C THR A 292 20.25 8.48 3.31
N ILE A 293 19.01 8.09 3.60
CA ILE A 293 18.44 6.82 3.15
C ILE A 293 17.31 7.11 2.16
N ASN A 294 17.20 6.25 1.13
CA ASN A 294 16.00 6.15 0.31
C ASN A 294 15.76 4.67 0.01
N GLU A 295 14.87 4.40 -0.95
CA GLU A 295 14.51 3.03 -1.29
C GLU A 295 15.72 2.27 -1.88
N TYR A 296 16.67 2.97 -2.49
CA TYR A 296 17.73 2.35 -3.26
C TYR A 296 19.08 2.31 -2.57
N THR A 297 19.51 3.36 -1.89
CA THR A 297 20.86 3.41 -1.37
C THR A 297 20.90 4.22 -0.08
N ILE A 298 22.00 4.03 0.67
CA ILE A 298 22.34 4.85 1.82
C ILE A 298 23.64 5.58 1.50
N ARG A 299 23.62 6.91 1.61
CA ARG A 299 24.73 7.73 1.15
C ARG A 299 25.20 8.64 2.27
N PRO A 300 26.50 8.95 2.31
CA PRO A 300 27.02 9.87 3.31
C PRO A 300 26.89 11.33 2.87
N LEU A 301 26.53 12.18 3.84
CA LEU A 301 26.35 13.61 3.62
C LEU A 301 27.59 14.37 4.06
N GLY A 302 28.20 15.09 3.13
CA GLY A 302 29.30 15.97 3.47
C GLY A 302 28.84 17.16 4.28
N VAL A 303 29.81 17.95 4.71
CA VAL A 303 29.60 19.12 5.56
C VAL A 303 28.65 20.10 4.87
N THR A 304 28.47 19.93 3.56
CA THR A 304 27.67 20.82 2.72
C THR A 304 26.22 20.37 2.59
N GLY A 305 25.88 19.17 3.04
CA GLY A 305 24.61 18.62 2.65
C GLY A 305 24.63 17.95 1.31
N VAL A 306 25.81 17.81 0.70
CA VAL A 306 25.97 17.14 -0.59
C VAL A 306 26.35 15.69 -0.32
N ALA A 307 25.70 14.78 -1.01
CA ALA A 307 25.87 13.37 -0.71
C ALA A 307 26.98 12.77 -1.57
N GLY A 308 27.61 11.73 -1.02
CA GLY A 308 28.64 10.99 -1.72
C GLY A 308 28.11 9.76 -2.41
N GLU A 309 29.03 8.88 -2.81
CA GLU A 309 28.67 7.64 -3.50
C GLU A 309 28.07 6.64 -2.53
N PRO A 310 27.18 5.77 -3.02
CA PRO A 310 26.40 4.93 -2.12
C PRO A 310 27.25 3.85 -1.46
N LEU A 311 26.96 3.62 -0.19
CA LEU A 311 27.66 2.64 0.62
C LEU A 311 27.22 1.23 0.25
N PRO A 312 28.10 0.24 0.44
CA PRO A 312 27.72 -1.16 0.17
C PRO A 312 26.77 -1.69 1.24
N VAL A 313 25.77 -2.46 0.80
CA VAL A 313 24.78 -3.06 1.71
C VAL A 313 24.61 -4.53 1.33
N ASP A 314 25.05 -5.42 2.24
CA ASP A 314 24.92 -6.87 2.07
C ASP A 314 23.79 -7.46 2.89
N SER A 315 23.45 -6.85 4.02
CA SER A 315 22.34 -7.28 4.85
C SER A 315 21.51 -6.06 5.25
N GLU A 316 20.24 -6.31 5.56
CA GLU A 316 19.44 -5.24 6.12
C GLU A 316 20.11 -4.65 7.36
N LYS A 317 20.84 -5.47 8.11
CA LYS A 317 21.50 -5.02 9.33
C LYS A 317 22.58 -3.98 9.03
N ASP A 318 23.25 -4.08 7.87
CA ASP A 318 24.31 -3.13 7.51
C ASP A 318 23.84 -1.68 7.53
N ILE A 319 22.55 -1.44 7.33
CA ILE A 319 22.02 -0.07 7.30
C ILE A 319 22.11 0.55 8.69
N PHE A 320 21.65 -0.19 9.71
CA PHE A 320 21.74 0.27 11.09
C PHE A 320 23.20 0.39 11.55
N ASP A 321 24.10 -0.43 10.99
CA ASP A 321 25.50 -0.39 11.38
C ASP A 321 26.19 0.87 10.89
N TYR A 322 25.71 1.47 9.80
CA TYR A 322 26.23 2.76 9.34
C TYR A 322 25.77 3.89 10.25
N ILE A 323 24.45 3.98 10.46
CA ILE A 323 23.84 5.10 11.17
C ILE A 323 23.91 4.96 12.68
N GLN A 324 24.58 3.92 13.18
CA GLN A 324 24.73 3.67 14.61
C GLN A 324 23.36 3.57 15.30
N TRP A 325 22.57 2.64 14.78
CA TRP A 325 21.34 2.18 15.40
C TRP A 325 21.45 0.68 15.58
N LYS A 326 20.65 0.13 16.50
CA LYS A 326 20.67 -1.30 16.72
C LYS A 326 19.52 -1.92 15.97
N TYR A 327 19.80 -3.04 15.31
CA TYR A 327 18.83 -3.71 14.47
C TYR A 327 17.50 -3.84 15.18
N ARG A 328 16.44 -3.34 14.54
CA ARG A 328 15.07 -3.62 14.96
C ARG A 328 14.59 -4.84 14.19
N GLU A 329 14.19 -5.88 14.90
CA GLU A 329 13.51 -6.95 14.22
C GLU A 329 12.15 -6.43 13.75
N PRO A 330 11.71 -6.79 12.54
CA PRO A 330 10.54 -6.12 11.95
C PRO A 330 9.32 -6.00 12.85
N LYS A 331 9.03 -7.01 13.68
CA LYS A 331 7.83 -6.96 14.51
C LYS A 331 7.72 -5.61 15.25
N ASP A 332 8.85 -5.05 15.67
CA ASP A 332 8.89 -3.81 16.44
C ASP A 332 9.11 -2.57 15.58
N ARG A 333 8.68 -2.60 14.31
CA ARG A 333 8.95 -1.49 13.41
C ARG A 333 7.72 -0.63 13.13
N SER A 334 6.68 -0.72 13.96
CA SER A 334 5.45 0.01 13.70
C SER A 334 5.59 1.52 13.89
N GLU A 335 6.70 1.99 14.45
CA GLU A 335 7.01 3.42 14.50
C GLU A 335 8.48 3.64 14.85
C1' 8PI B 13 -3.15 6.72 -26.66
C2 8PI B 13 0.56 7.66 -25.29
C2' 8PI B 13 -4.32 6.10 -27.31
C3' 8PI B 13 -5.64 6.79 -27.34
C4 8PI B 13 -1.02 6.19 -26.40
C4' 8PI B 13 -6.26 6.78 -25.93
C5 8PI B 13 -0.01 5.22 -26.64
C5' 8PI B 13 -6.95 5.51 -25.52
C6 8PI B 13 1.32 5.52 -26.18
C8 8PI B 13 -1.35 3.22 -27.65
N1 8PI B 13 1.63 6.71 -25.51
N2 8PI B 13 0.83 8.88 -24.60
N3 8PI B 13 -0.77 7.40 -25.75
N7 8PI B 13 -0.19 4.01 -27.35
N9 8PI B 13 -2.28 5.92 -26.83
O3' 8PI B 13 -6.02 8.59 -28.04
O4' 8PI B 13 -5.26 7.02 -25.03
O5' 8PI B 13 -6.16 4.54 -26.09
O6 8PI B 13 2.15 4.76 -26.39
O8 8PI B 13 -2.45 3.41 -27.32
OP1 8PI B 13 -7.74 2.83 -25.23
OP2 8PI B 13 -5.76 2.08 -26.55
P 8PI B 13 -6.34 3.04 -25.63
NA NA E . -9.76 2.42 -8.37
NA NA F . -2.19 21.29 15.00
NA NA G . -9.74 3.51 -4.82
S SO4 H . 3.59 10.64 -13.35
O1 SO4 H . 3.67 10.68 -11.89
O2 SO4 H . 4.06 9.35 -13.83
O3 SO4 H . 2.20 10.84 -13.76
O4 SO4 H . 4.43 11.69 -13.91
#